data_5ERU
#
_entry.id   5ERU
#
_cell.length_a   87.680
_cell.length_b   99.100
_cell.length_c   113.060
_cell.angle_alpha   90.00
_cell.angle_beta   90.00
_cell.angle_gamma   90.00
#
_symmetry.space_group_name_H-M   'I 2 2 2'
#
loop_
_entity.id
_entity.type
_entity.pdbx_description
1 polymer Gephyrin
2 non-polymer 'ACETATE ION'
3 non-polymer (4S)-2-METHYL-2,4-PENTANEDIOL
4 non-polymer 'CALCIUM ION'
5 non-polymer "ADENOSINE-5'-DIPHOSPHATE"
6 non-polymer 'PHOSPHATE ION'
7 non-polymer 'MOLYBDENUM ATOM'
8 non-polymer 'MOLYBDATE ION'
9 non-polymer 'MAGNESIUM ION'
10 water water
#
_entity_poly.entity_id   1
_entity_poly.type   'polypeptide(L)'
_entity_poly.pdbx_seq_one_letter_code
;MSPFPLTSMDKAFITVLEMTPVLGTEIINYRDGMGRVLAQDVYAKDNLPPFPASVKDGYAVRAADGPGDRFIIGESQAGE
QPTQTVMPGQVMRVTTGAPIPCGADAVVQVEDTELIRESDDGTEELEVRILVQARPGQDIRPIGHDIKRGECVLAKGTHM
GPSEIGLLATVGVTEVEVNKFPVVAVMSTGNELLNPEDDLLPGKIRDSNRSTLLATIQEHGYPTINLGIVGDNPDDLLNA
LNEGISRADVIITSGGVSMGEKDYLKQVLDIDLHAQIHFGRVFMKPGLPTTFATLDIDGVRKIIFALPGNPVSAVVTCNL
FVVPALRKMQGILDPRPTIIKARLSCDVKLDPRPEYHRCILTWHHQEPLPWAQSTGNQMSSRLMSMRSANGLLMLPPKTE
QYVELHKGEVVDVMVIGRL
;
_entity_poly.pdbx_strand_id   A
#
loop_
_chem_comp.id
_chem_comp.type
_chem_comp.name
_chem_comp.formula
ACT non-polymer 'ACETATE ION' 'C2 H3 O2 -1'
ADP non-polymer ADENOSINE-5'-DIPHOSPHATE 'C10 H15 N5 O10 P2'
CA non-polymer 'CALCIUM ION' 'Ca 2'
MG non-polymer 'MAGNESIUM ION' 'Mg 2'
MO non-polymer 'MOLYBDENUM ATOM' Mo
MOO non-polymer 'MOLYBDATE ION' 'Mo O4 -2'
MPD non-polymer (4S)-2-METHYL-2,4-PENTANEDIOL 'C6 H14 O2'
PO4 non-polymer 'PHOSPHATE ION' 'O4 P -3'
#
# COMPACT_ATOMS: atom_id res chain seq x y z
N SER A 2 15.82 31.02 -14.02
CA SER A 2 16.71 32.15 -13.76
C SER A 2 17.88 32.24 -14.76
N PRO A 3 18.47 31.11 -15.18
CA PRO A 3 18.19 29.70 -14.88
C PRO A 3 18.47 29.35 -13.42
N PHE A 4 17.58 28.52 -12.86
CA PHE A 4 17.76 28.03 -11.50
C PHE A 4 19.01 27.16 -11.41
N PRO A 5 19.63 27.10 -10.22
CA PRO A 5 20.76 26.18 -10.04
C PRO A 5 20.42 24.73 -10.36
N LEU A 6 21.36 24.01 -10.95
CA LEU A 6 21.23 22.58 -11.07
C LEU A 6 21.28 21.96 -9.69
N THR A 7 20.22 21.25 -9.32
CA THR A 7 20.14 20.59 -8.04
C THR A 7 20.45 19.10 -8.22
N SER A 8 21.28 18.53 -7.35
CA SER A 8 21.53 17.09 -7.46
C SER A 8 20.25 16.31 -7.19
N MET A 9 20.18 15.10 -7.74
N MET A 9 20.19 15.09 -7.71
CA MET A 9 19.04 14.22 -7.52
CA MET A 9 19.02 14.25 -7.52
C MET A 9 18.82 14.02 -6.03
C MET A 9 18.81 13.94 -6.04
N ASP A 10 19.90 13.69 -5.32
CA ASP A 10 19.81 13.40 -3.90
C ASP A 10 19.25 14.60 -3.13
N LYS A 11 19.74 15.79 -3.43
CA LYS A 11 19.26 16.99 -2.75
C LYS A 11 17.80 17.27 -3.11
N ALA A 12 17.45 17.11 -4.38
CA ALA A 12 16.09 17.38 -4.81
C ALA A 12 15.12 16.46 -4.09
N PHE A 13 15.48 15.18 -4.02
CA PHE A 13 14.60 14.18 -3.42
C PHE A 13 14.41 14.42 -1.92
N ILE A 14 15.49 14.67 -1.18
N ILE A 14 15.51 14.66 -1.21
CA ILE A 14 15.35 14.91 0.26
CA ILE A 14 15.47 14.96 0.22
C ILE A 14 14.64 16.23 0.52
C ILE A 14 14.63 16.21 0.47
N THR A 15 14.80 17.20 -0.39
CA THR A 15 14.07 18.46 -0.28
C THR A 15 12.57 18.22 -0.40
N VAL A 16 12.15 17.43 -1.37
CA VAL A 16 10.73 17.09 -1.48
C VAL A 16 10.22 16.47 -0.19
N LEU A 17 10.91 15.45 0.31
CA LEU A 17 10.41 14.78 1.50
C LEU A 17 10.44 15.67 2.74
N GLU A 18 11.47 16.48 2.88
N GLU A 18 11.48 16.45 2.92
CA GLU A 18 11.58 17.35 4.06
CA GLU A 18 11.60 17.22 4.17
C GLU A 18 10.50 18.44 4.07
C GLU A 18 10.65 18.42 4.19
N MET A 19 10.18 18.98 2.89
N MET A 19 10.17 18.85 3.02
CA MET A 19 9.26 20.12 2.78
CA MET A 19 9.31 20.03 2.91
C MET A 19 7.79 19.72 2.64
C MET A 19 7.83 19.68 2.78
N THR A 20 7.54 18.45 2.38
CA THR A 20 6.16 17.98 2.23
C THR A 20 5.52 17.75 3.59
N PRO A 21 4.29 18.24 3.80
CA PRO A 21 3.64 18.03 5.09
C PRO A 21 2.98 16.66 5.21
N VAL A 22 2.66 16.29 6.45
CA VAL A 22 1.81 15.14 6.73
C VAL A 22 0.41 15.70 6.94
N LEU A 23 -0.57 15.14 6.22
CA LEU A 23 -1.94 15.61 6.33
C LEU A 23 -2.52 15.29 7.69
N GLY A 24 -3.57 16.00 8.04
CA GLY A 24 -4.27 15.76 9.28
C GLY A 24 -5.06 14.46 9.23
N THR A 25 -5.83 14.22 10.28
CA THR A 25 -6.49 12.94 10.46
C THR A 25 -8.00 13.05 10.31
N GLU A 26 -8.63 11.89 10.13
CA GLU A 26 -10.07 11.78 10.05
C GLU A 26 -10.47 10.40 10.53
N ILE A 27 -11.73 10.25 10.94
CA ILE A 27 -12.27 8.96 11.32
C ILE A 27 -12.91 8.31 10.10
N ILE A 28 -12.56 7.05 9.84
CA ILE A 28 -13.13 6.29 8.73
C ILE A 28 -13.73 4.99 9.24
N ASN A 29 -14.61 4.39 8.43
CA ASN A 29 -15.08 3.04 8.65
C ASN A 29 -13.96 2.08 8.29
N TYR A 30 -13.81 1.01 9.08
CA TYR A 30 -12.65 0.14 8.87
CA TYR A 30 -12.73 0.02 8.89
C TYR A 30 -12.65 -0.51 7.46
N ARG A 31 -13.81 -0.70 6.83
CA ARG A 31 -13.85 -1.29 5.50
CA ARG A 31 -13.86 -1.30 5.50
C ARG A 31 -13.19 -0.41 4.46
N ASP A 32 -13.05 0.87 4.80
CA ASP A 32 -12.44 1.86 3.90
C ASP A 32 -10.95 2.06 4.20
N GLY A 33 -10.37 1.15 4.98
CA GLY A 33 -9.03 1.34 5.50
C GLY A 33 -7.86 0.93 4.61
N MET A 34 -8.12 0.34 3.45
CA MET A 34 -7.07 -0.12 2.55
CA MET A 34 -7.03 -0.14 2.60
C MET A 34 -6.10 0.99 2.20
N GLY A 35 -4.82 0.81 2.51
CA GLY A 35 -3.79 1.76 2.19
C GLY A 35 -3.68 2.92 3.17
N ARG A 36 -4.61 2.99 4.13
CA ARG A 36 -4.58 4.05 5.11
C ARG A 36 -3.55 3.79 6.19
N VAL A 37 -3.13 4.84 6.86
CA VAL A 37 -2.21 4.71 7.98
C VAL A 37 -2.94 5.08 9.27
N LEU A 38 -2.90 4.17 10.25
CA LEU A 38 -3.52 4.45 11.53
C LEU A 38 -2.87 5.61 12.24
N ALA A 39 -3.71 6.48 12.80
CA ALA A 39 -3.24 7.61 13.58
C ALA A 39 -3.59 7.43 15.06
N GLN A 40 -3.99 6.21 15.41
CA GLN A 40 -4.23 5.82 16.79
C GLN A 40 -3.74 4.40 17.00
N ASP A 41 -3.42 4.06 18.25
CA ASP A 41 -3.29 2.68 18.63
C ASP A 41 -4.70 2.07 18.74
N VAL A 42 -4.81 0.78 18.43
CA VAL A 42 -6.07 0.06 18.51
C VAL A 42 -5.96 -1.06 19.53
N TYR A 43 -6.94 -1.12 20.44
CA TYR A 43 -6.97 -2.10 21.52
C TYR A 43 -8.13 -3.07 21.41
N ALA A 44 -7.90 -4.31 21.86
CA ALA A 44 -8.96 -5.30 21.96
C ALA A 44 -9.79 -5.02 23.21
N LYS A 45 -11.11 -5.07 23.09
CA LYS A 45 -11.97 -4.93 24.27
C LYS A 45 -12.52 -6.27 24.72
N ASP A 46 -12.20 -7.33 23.98
CA ASP A 46 -12.60 -8.68 24.31
C ASP A 46 -11.42 -9.63 24.19
N ASN A 47 -11.53 -10.78 24.86
CA ASN A 47 -10.62 -11.89 24.61
C ASN A 47 -10.95 -12.63 23.31
N LEU A 48 -9.93 -13.16 22.65
CA LEU A 48 -10.11 -14.08 21.53
C LEU A 48 -9.26 -15.31 21.79
N PRO A 49 -9.90 -16.49 21.88
CA PRO A 49 -11.36 -16.65 21.91
C PRO A 49 -11.92 -16.14 23.23
N PRO A 50 -13.21 -15.78 23.26
CA PRO A 50 -13.82 -15.26 24.49
C PRO A 50 -14.32 -16.37 25.44
N PHE A 51 -14.28 -17.60 24.94
CA PHE A 51 -14.61 -18.82 25.68
C PHE A 51 -13.50 -19.82 25.35
N PRO A 52 -13.31 -20.84 26.21
CA PRO A 52 -12.38 -21.89 25.78
C PRO A 52 -12.95 -22.63 24.56
N ALA A 53 -12.16 -22.75 23.49
CA ALA A 53 -12.66 -23.20 22.19
C ALA A 53 -11.94 -24.47 21.74
N SER A 54 -12.72 -25.44 21.25
CA SER A 54 -12.12 -26.61 20.64
C SER A 54 -11.42 -26.29 19.34
N VAL A 55 -10.25 -26.89 19.15
CA VAL A 55 -9.48 -26.78 17.92
CA VAL A 55 -9.57 -26.73 17.87
C VAL A 55 -9.83 -27.94 16.98
N LYS A 56 -10.57 -28.93 17.52
CA LYS A 56 -10.91 -30.14 16.76
C LYS A 56 -12.38 -30.54 16.79
N ASP A 57 -12.76 -31.32 15.80
CA ASP A 57 -13.95 -32.15 15.87
C ASP A 57 -13.60 -33.37 16.70
N GLY A 58 -14.35 -33.61 17.76
CA GLY A 58 -14.06 -34.75 18.61
C GLY A 58 -14.91 -34.71 19.86
N TYR A 59 -14.27 -34.94 21.01
CA TYR A 59 -14.98 -34.99 22.28
C TYR A 59 -14.24 -34.21 23.35
N ALA A 60 -15.01 -33.46 24.13
CA ALA A 60 -14.49 -32.82 25.33
C ALA A 60 -14.53 -33.85 26.45
N VAL A 61 -13.37 -34.08 27.06
CA VAL A 61 -13.19 -35.15 28.04
C VAL A 61 -12.56 -34.64 29.32
N ARG A 62 -12.56 -35.50 30.33
CA ARG A 62 -11.74 -35.31 31.52
C ARG A 62 -10.47 -36.11 31.35
N ALA A 63 -9.32 -35.45 31.29
CA ALA A 63 -8.07 -36.15 31.05
C ALA A 63 -7.82 -37.21 32.13
N ALA A 64 -8.27 -36.92 33.34
CA ALA A 64 -8.08 -37.83 34.47
C ALA A 64 -8.77 -39.17 34.27
N ASP A 65 -9.83 -39.21 33.45
CA ASP A 65 -10.54 -40.46 33.18
C ASP A 65 -9.66 -41.42 32.41
N GLY A 66 -8.71 -40.89 31.66
CA GLY A 66 -7.86 -41.70 30.81
C GLY A 66 -8.63 -42.27 29.63
N PRO A 67 -8.02 -43.22 28.92
CA PRO A 67 -8.71 -43.88 27.82
C PRO A 67 -9.82 -44.80 28.33
N GLY A 68 -10.79 -45.11 27.49
CA GLY A 68 -11.86 -46.02 27.85
C GLY A 68 -13.19 -45.68 27.21
N ASP A 69 -14.22 -46.37 27.67
CA ASP A 69 -15.56 -46.26 27.09
C ASP A 69 -16.40 -45.27 27.87
N ARG A 70 -17.00 -44.34 27.14
CA ARG A 70 -17.64 -43.17 27.72
C ARG A 70 -19.03 -42.95 27.18
N PHE A 71 -19.94 -42.52 28.05
CA PHE A 71 -21.26 -42.08 27.63
C PHE A 71 -21.20 -40.65 27.10
N ILE A 72 -21.80 -40.43 25.94
CA ILE A 72 -21.88 -39.11 25.35
C ILE A 72 -23.14 -38.42 25.89
N ILE A 73 -22.97 -37.34 26.66
CA ILE A 73 -24.12 -36.73 27.34
C ILE A 73 -24.80 -35.66 26.52
N GLY A 74 -24.15 -35.23 25.44
CA GLY A 74 -24.70 -34.18 24.61
C GLY A 74 -23.66 -33.67 23.65
N GLU A 75 -23.93 -32.53 23.04
CA GLU A 75 -23.01 -31.93 22.09
C GLU A 75 -22.89 -30.45 22.33
N SER A 76 -21.68 -29.95 22.13
CA SER A 76 -21.43 -28.52 22.14
C SER A 76 -21.20 -28.11 20.69
N GLN A 77 -22.11 -27.29 20.16
CA GLN A 77 -22.00 -26.84 18.78
C GLN A 77 -21.56 -25.40 18.75
N ALA A 78 -20.87 -25.04 17.67
CA ALA A 78 -20.43 -23.67 17.49
C ALA A 78 -21.60 -22.71 17.66
N GLY A 79 -21.39 -21.67 18.47
CA GLY A 79 -22.34 -20.59 18.61
C GLY A 79 -23.27 -20.72 19.80
N GLU A 80 -23.18 -21.84 20.50
CA GLU A 80 -24.03 -22.09 21.66
C GLU A 80 -23.21 -22.43 22.89
N GLN A 81 -23.44 -21.68 23.96
CA GLN A 81 -22.82 -21.95 25.25
C GLN A 81 -23.41 -23.24 25.83
N PRO A 82 -22.56 -24.23 26.14
CA PRO A 82 -23.10 -25.45 26.75
C PRO A 82 -23.64 -25.21 28.15
N THR A 83 -24.67 -25.98 28.51
CA THR A 83 -25.31 -25.87 29.81
C THR A 83 -24.93 -27.05 30.71
N GLN A 84 -24.57 -28.16 30.10
CA GLN A 84 -24.28 -29.38 30.87
C GLN A 84 -22.84 -29.43 31.36
N THR A 85 -22.64 -30.12 32.47
CA THR A 85 -21.31 -30.34 33.03
C THR A 85 -20.90 -31.78 32.76
N VAL A 86 -19.71 -31.96 32.20
CA VAL A 86 -19.17 -33.31 32.00
C VAL A 86 -18.66 -33.88 33.32
N MET A 87 -19.19 -35.04 33.70
CA MET A 87 -18.75 -35.74 34.91
C MET A 87 -17.82 -36.89 34.55
N PRO A 88 -17.13 -37.48 35.55
CA PRO A 88 -16.29 -38.65 35.25
C PRO A 88 -17.04 -39.75 34.52
N GLY A 89 -16.43 -40.31 33.49
CA GLY A 89 -17.04 -41.36 32.71
C GLY A 89 -17.87 -40.86 31.55
N GLN A 90 -17.97 -39.53 31.43
CA GLN A 90 -18.78 -38.91 30.39
C GLN A 90 -17.94 -38.06 29.46
N VAL A 91 -18.46 -37.81 28.27
CA VAL A 91 -17.85 -36.86 27.35
C VAL A 91 -18.95 -36.11 26.63
N MET A 92 -18.57 -35.00 26.00
CA MET A 92 -19.49 -34.25 25.17
C MET A 92 -18.88 -34.11 23.80
N ARG A 93 -19.67 -34.34 22.75
CA ARG A 93 -19.21 -34.08 21.41
CA ARG A 93 -19.23 -34.05 21.39
C ARG A 93 -18.92 -32.58 21.23
N VAL A 94 -17.84 -32.26 20.51
CA VAL A 94 -17.50 -30.88 20.18
C VAL A 94 -17.14 -30.79 18.72
N THR A 95 -17.36 -29.61 18.16
CA THR A 95 -16.90 -29.29 16.82
C THR A 95 -15.87 -28.17 16.92
N THR A 96 -15.10 -27.99 15.85
CA THR A 96 -14.09 -26.96 15.83
C THR A 96 -14.71 -25.57 16.03
N GLY A 97 -14.18 -24.84 17.01
CA GLY A 97 -14.67 -23.52 17.33
C GLY A 97 -15.76 -23.47 18.38
N ALA A 98 -16.21 -24.64 18.83
CA ALA A 98 -17.28 -24.70 19.80
C ALA A 98 -16.73 -24.55 21.20
N PRO A 99 -17.58 -24.11 22.14
CA PRO A 99 -17.08 -23.94 23.51
C PRO A 99 -16.91 -25.24 24.24
N ILE A 100 -15.89 -25.29 25.09
CA ILE A 100 -15.66 -26.44 25.95
C ILE A 100 -16.61 -26.36 27.16
N PRO A 101 -17.39 -27.42 27.39
CA PRO A 101 -18.33 -27.41 28.51
C PRO A 101 -17.63 -27.49 29.85
N CYS A 102 -18.31 -27.05 30.89
CA CYS A 102 -17.81 -27.20 32.25
CA CYS A 102 -17.82 -27.19 32.26
C CYS A 102 -17.56 -28.66 32.55
N GLY A 103 -16.49 -28.94 33.29
CA GLY A 103 -16.17 -30.28 33.70
C GLY A 103 -15.13 -30.95 32.81
N ALA A 104 -15.01 -30.51 31.57
CA ALA A 104 -14.02 -31.09 30.65
C ALA A 104 -12.77 -30.24 30.67
N ASP A 105 -11.61 -30.84 30.42
CA ASP A 105 -10.34 -30.13 30.46
CA ASP A 105 -10.35 -30.10 30.45
C ASP A 105 -9.44 -30.44 29.28
N ALA A 106 -9.93 -31.26 28.34
CA ALA A 106 -9.17 -31.60 27.15
C ALA A 106 -10.11 -32.03 26.04
N VAL A 107 -9.62 -31.98 24.81
CA VAL A 107 -10.36 -32.45 23.66
C VAL A 107 -9.57 -33.57 23.00
N VAL A 108 -10.27 -34.66 22.69
CA VAL A 108 -9.71 -35.77 21.93
C VAL A 108 -10.36 -35.73 20.56
N GLN A 109 -9.53 -35.66 19.53
CA GLN A 109 -10.02 -35.58 18.17
C GLN A 109 -10.67 -36.90 17.79
N VAL A 110 -11.64 -36.83 16.88
CA VAL A 110 -12.46 -37.99 16.55
C VAL A 110 -11.60 -39.16 16.03
N GLU A 111 -10.51 -38.86 15.34
CA GLU A 111 -9.63 -39.90 14.81
C GLU A 111 -9.02 -40.79 15.91
N ASP A 112 -8.97 -40.28 17.14
CA ASP A 112 -8.42 -41.02 18.28
C ASP A 112 -9.54 -41.66 19.09
N THR A 113 -10.65 -41.94 18.42
CA THR A 113 -11.81 -42.55 19.06
C THR A 113 -12.43 -43.59 18.15
N GLU A 114 -13.24 -44.46 18.73
CA GLU A 114 -14.12 -45.34 17.96
C GLU A 114 -15.53 -45.28 18.52
N LEU A 115 -16.51 -45.15 17.65
CA LEU A 115 -17.89 -45.09 18.09
C LEU A 115 -18.37 -46.48 18.52
N ILE A 116 -19.04 -46.54 19.66
CA ILE A 116 -19.61 -47.80 20.17
C ILE A 116 -21.09 -47.94 19.83
N ARG A 117 -21.87 -46.91 20.16
CA ARG A 117 -23.32 -46.96 20.02
C ARG A 117 -23.85 -45.64 19.47
N GLU A 118 -24.86 -45.75 18.60
CA GLU A 118 -25.59 -44.59 18.11
C GLU A 118 -27.07 -44.90 18.11
N SER A 119 -27.89 -43.87 17.92
CA SER A 119 -29.33 -44.05 17.90
C SER A 119 -29.75 -44.92 16.71
N ASP A 120 -30.93 -45.52 16.82
CA ASP A 120 -31.45 -46.38 15.77
C ASP A 120 -31.45 -45.66 14.41
N ASP A 121 -31.72 -44.37 14.43
CA ASP A 121 -31.75 -43.58 13.20
C ASP A 121 -30.34 -43.15 12.76
N GLY A 122 -29.36 -43.37 13.63
CA GLY A 122 -27.97 -43.06 13.30
C GLY A 122 -27.62 -41.58 13.31
N THR A 123 -28.50 -40.77 13.88
CA THR A 123 -28.29 -39.31 13.91
C THR A 123 -27.66 -38.82 15.20
N GLU A 124 -27.67 -39.66 16.23
CA GLU A 124 -27.17 -39.29 17.55
C GLU A 124 -26.19 -40.32 18.10
N GLU A 125 -25.00 -39.87 18.46
CA GLU A 125 -23.98 -40.73 19.08
C GLU A 125 -24.26 -40.90 20.55
N LEU A 126 -24.13 -42.12 21.05
CA LEU A 126 -24.48 -42.43 22.43
C LEU A 126 -23.30 -42.85 23.28
N GLU A 127 -22.37 -43.61 22.70
CA GLU A 127 -21.23 -44.11 23.47
C GLU A 127 -19.98 -44.18 22.59
N VAL A 128 -18.85 -43.77 23.14
CA VAL A 128 -17.61 -43.72 22.38
C VAL A 128 -16.41 -44.26 23.16
N ARG A 129 -15.49 -44.90 22.45
CA ARG A 129 -14.24 -45.36 23.03
C ARG A 129 -13.15 -44.32 22.79
N ILE A 130 -12.60 -43.80 23.88
CA ILE A 130 -11.49 -42.86 23.83
C ILE A 130 -10.19 -43.67 23.84
N LEU A 131 -9.40 -43.57 22.77
CA LEU A 131 -8.27 -44.49 22.60
C LEU A 131 -6.94 -43.98 23.17
N VAL A 132 -6.89 -42.70 23.51
CA VAL A 132 -5.64 -42.09 23.95
C VAL A 132 -5.77 -41.48 25.32
N GLN A 133 -4.60 -41.26 25.93
CA GLN A 133 -4.49 -40.47 27.15
C GLN A 133 -4.30 -39.02 26.76
N ALA A 134 -5.32 -38.20 26.98
CA ALA A 134 -5.22 -36.78 26.65
C ALA A 134 -4.26 -36.08 27.58
N ARG A 135 -3.52 -35.11 27.03
CA ARG A 135 -2.76 -34.17 27.84
C ARG A 135 -3.72 -33.09 28.32
N PRO A 136 -3.56 -32.62 29.58
CA PRO A 136 -4.46 -31.55 30.02
C PRO A 136 -4.40 -30.35 29.09
N GLY A 137 -5.57 -29.84 28.72
CA GLY A 137 -5.66 -28.69 27.85
C GLY A 137 -5.46 -29.00 26.37
N GLN A 138 -5.24 -30.25 26.00
CA GLN A 138 -4.97 -30.60 24.60
CA GLN A 138 -4.93 -30.51 24.59
C GLN A 138 -6.12 -30.17 23.68
N ASP A 139 -5.79 -29.58 22.54
CA ASP A 139 -6.75 -29.22 21.49
C ASP A 139 -7.83 -28.25 21.99
N ILE A 140 -7.46 -27.41 22.94
CA ILE A 140 -8.31 -26.31 23.41
C ILE A 140 -7.55 -25.02 23.31
N ARG A 141 -8.20 -23.99 22.76
CA ARG A 141 -7.69 -22.63 22.84
C ARG A 141 -8.28 -21.97 24.08
N PRO A 142 -7.45 -21.72 25.11
CA PRO A 142 -8.00 -21.06 26.31
C PRO A 142 -8.48 -19.66 26.02
N ILE A 143 -9.34 -19.14 26.88
CA ILE A 143 -9.78 -17.75 26.78
C ILE A 143 -8.56 -16.84 26.63
N GLY A 144 -8.57 -15.99 25.62
CA GLY A 144 -7.51 -15.01 25.43
C GLY A 144 -6.23 -15.54 24.81
N HIS A 145 -6.26 -16.79 24.36
CA HIS A 145 -5.07 -17.41 23.79
C HIS A 145 -4.49 -16.59 22.64
N ASP A 146 -5.35 -16.02 21.81
CA ASP A 146 -4.94 -15.35 20.59
C ASP A 146 -4.82 -13.86 20.81
N ILE A 147 -5.82 -13.28 21.48
CA ILE A 147 -5.86 -11.86 21.81
C ILE A 147 -6.42 -11.69 23.20
N LYS A 148 -5.80 -10.83 24.00
CA LYS A 148 -6.28 -10.54 25.34
C LYS A 148 -7.00 -9.21 25.40
N ARG A 149 -8.07 -9.17 26.18
CA ARG A 149 -8.73 -7.89 26.45
CA ARG A 149 -8.72 -7.90 26.46
C ARG A 149 -7.67 -6.91 26.94
N GLY A 150 -7.66 -5.71 26.37
CA GLY A 150 -6.73 -4.67 26.76
C GLY A 150 -5.42 -4.65 25.99
N GLU A 151 -5.20 -5.68 25.18
CA GLU A 151 -4.01 -5.78 24.33
C GLU A 151 -4.04 -4.78 23.18
N CYS A 152 -2.91 -4.14 22.91
CA CYS A 152 -2.80 -3.32 21.70
C CYS A 152 -2.52 -4.23 20.52
N VAL A 153 -3.44 -4.26 19.57
CA VAL A 153 -3.34 -5.19 18.45
C VAL A 153 -2.80 -4.54 17.19
N LEU A 154 -2.97 -3.22 17.09
CA LEU A 154 -2.39 -2.44 16.00
C LEU A 154 -1.88 -1.12 16.51
N ALA A 155 -0.65 -0.79 16.14
CA ALA A 155 -0.03 0.46 16.58
C ALA A 155 -0.24 1.60 15.58
N LYS A 156 -0.32 2.82 16.09
CA LYS A 156 -0.31 3.99 15.25
C LYS A 156 0.92 3.93 14.34
N GLY A 157 0.72 4.32 13.09
CA GLY A 157 1.76 4.25 12.09
C GLY A 157 1.62 3.07 11.15
N THR A 158 0.76 2.13 11.51
CA THR A 158 0.56 0.93 10.69
C THR A 158 -0.14 1.27 9.38
N HIS A 159 0.50 0.86 8.28
CA HIS A 159 -0.03 1.03 6.94
CA HIS A 159 0.00 1.01 6.93
C HIS A 159 -0.85 -0.22 6.59
N MET A 160 -2.17 -0.05 6.51
CA MET A 160 -3.08 -1.20 6.51
C MET A 160 -3.34 -1.88 5.18
N GLY A 161 -3.35 -3.20 5.25
CA GLY A 161 -3.78 -4.04 4.16
C GLY A 161 -4.92 -4.93 4.64
N PRO A 162 -5.29 -5.93 3.82
CA PRO A 162 -6.46 -6.76 4.13
C PRO A 162 -6.42 -7.41 5.50
N SER A 163 -5.25 -7.88 5.94
CA SER A 163 -5.20 -8.59 7.21
C SER A 163 -5.43 -7.65 8.39
N GLU A 164 -4.99 -6.40 8.25
CA GLU A 164 -5.22 -5.41 9.30
C GLU A 164 -6.71 -5.07 9.37
N ILE A 165 -7.37 -4.98 8.21
CA ILE A 165 -8.82 -4.76 8.18
CA ILE A 165 -8.80 -4.75 8.21
C ILE A 165 -9.51 -5.92 8.90
N GLY A 166 -9.05 -7.14 8.63
CA GLY A 166 -9.59 -8.31 9.30
C GLY A 166 -9.44 -8.27 10.81
N LEU A 167 -8.30 -7.75 11.26
CA LEU A 167 -8.03 -7.65 12.68
C LEU A 167 -8.97 -6.62 13.32
N LEU A 168 -9.19 -5.49 12.65
CA LEU A 168 -10.17 -4.52 13.15
C LEU A 168 -11.54 -5.16 13.29
N ALA A 169 -11.94 -5.95 12.30
CA ALA A 169 -13.22 -6.65 12.37
C ALA A 169 -13.26 -7.60 13.57
N THR A 170 -12.17 -8.34 13.75
CA THR A 170 -12.05 -9.32 14.83
C THR A 170 -12.30 -8.68 16.20
N VAL A 171 -11.68 -7.52 16.43
CA VAL A 171 -11.78 -6.87 17.72
C VAL A 171 -12.94 -5.88 17.80
N GLY A 172 -13.69 -5.72 16.71
CA GLY A 172 -14.91 -4.92 16.76
C GLY A 172 -14.66 -3.43 16.77
N VAL A 173 -13.51 -3.01 16.28
CA VAL A 173 -13.18 -1.59 16.22
C VAL A 173 -13.44 -1.18 14.77
N THR A 174 -14.65 -0.68 14.53
CA THR A 174 -15.14 -0.52 13.18
C THR A 174 -14.95 0.92 12.68
N GLU A 175 -14.55 1.82 13.58
N GLU A 175 -14.49 1.81 13.56
CA GLU A 175 -14.16 3.17 13.20
CA GLU A 175 -14.16 3.17 13.15
C GLU A 175 -12.75 3.40 13.72
C GLU A 175 -12.82 3.57 13.76
N VAL A 176 -11.92 4.04 12.90
CA VAL A 176 -10.54 4.32 13.28
C VAL A 176 -10.08 5.67 12.75
N GLU A 177 -9.18 6.29 13.52
CA GLU A 177 -8.51 7.51 13.13
CA GLU A 177 -8.51 7.51 13.14
C GLU A 177 -7.34 7.18 12.21
N VAL A 178 -7.30 7.85 11.06
CA VAL A 178 -6.27 7.66 10.06
C VAL A 178 -5.86 8.99 9.46
N ASN A 179 -4.71 9.05 8.82
CA ASN A 179 -4.37 10.24 8.04
C ASN A 179 -5.25 10.32 6.81
N LYS A 180 -5.59 11.54 6.44
CA LYS A 180 -6.25 11.80 5.17
C LYS A 180 -5.36 11.41 3.98
N PHE A 181 -6.01 11.13 2.85
CA PHE A 181 -5.33 10.98 1.57
C PHE A 181 -5.24 12.35 0.91
N PRO A 182 -4.13 12.60 0.20
CA PRO A 182 -4.05 13.86 -0.54
C PRO A 182 -4.98 13.87 -1.75
N VAL A 183 -5.60 15.04 -1.99
CA VAL A 183 -6.35 15.28 -3.21
C VAL A 183 -5.38 15.94 -4.18
N VAL A 184 -5.25 15.36 -5.38
CA VAL A 184 -4.21 15.77 -6.31
C VAL A 184 -4.82 16.29 -7.60
N ALA A 185 -4.56 17.55 -7.90
CA ALA A 185 -5.06 18.18 -9.12
C ALA A 185 -3.99 18.12 -10.20
N VAL A 186 -4.41 17.84 -11.43
CA VAL A 186 -3.48 17.71 -12.56
C VAL A 186 -3.93 18.60 -13.71
N MET A 187 -2.96 19.32 -14.25
N MET A 187 -3.03 19.44 -14.22
CA MET A 187 -3.13 20.32 -15.29
CA MET A 187 -3.31 20.19 -15.43
C MET A 187 -2.13 20.04 -16.42
C MET A 187 -2.19 19.97 -16.42
N SER A 188 -2.54 20.17 -17.68
CA SER A 188 -1.58 20.20 -18.78
C SER A 188 -1.48 21.62 -19.30
N THR A 189 -0.35 21.95 -19.91
CA THR A 189 -0.14 23.31 -20.44
C THR A 189 0.37 23.26 -21.87
N GLY A 190 -0.11 24.20 -22.69
CA GLY A 190 0.41 24.35 -24.03
C GLY A 190 -0.65 24.72 -25.03
N ASN A 191 -0.38 25.75 -25.83
CA ASN A 191 -1.29 26.15 -26.89
C ASN A 191 -1.49 25.09 -27.95
N GLU A 192 -0.59 24.12 -28.00
CA GLU A 192 -0.67 23.08 -29.03
C GLU A 192 -1.55 21.90 -28.64
N LEU A 193 -2.03 21.87 -27.39
CA LEU A 193 -2.71 20.67 -26.88
C LEU A 193 -4.20 20.65 -27.15
N LEU A 194 -4.66 19.48 -27.60
CA LEU A 194 -6.07 19.17 -27.77
C LEU A 194 -6.47 18.09 -26.77
N ASN A 195 -7.77 17.94 -26.55
CA ASN A 195 -8.21 16.85 -25.71
C ASN A 195 -8.08 15.52 -26.44
N PRO A 196 -7.94 14.44 -25.67
CA PRO A 196 -7.88 13.11 -26.30
C PRO A 196 -9.05 12.84 -27.23
N GLU A 197 -10.22 13.38 -26.88
CA GLU A 197 -11.44 13.20 -27.66
C GLU A 197 -11.43 13.96 -28.98
N ASP A 198 -10.48 14.88 -29.19
CA ASP A 198 -10.48 15.73 -30.38
C ASP A 198 -9.79 15.12 -31.59
N ASP A 199 -10.32 15.40 -32.78
CA ASP A 199 -9.56 15.20 -34.00
C ASP A 199 -8.47 16.26 -34.08
N LEU A 200 -7.36 15.92 -34.72
CA LEU A 200 -6.27 16.87 -34.85
C LEU A 200 -6.64 18.05 -35.73
N LEU A 201 -6.03 19.18 -35.40
CA LEU A 201 -6.09 20.41 -36.17
C LEU A 201 -4.66 20.82 -36.46
N PRO A 202 -4.45 21.66 -37.49
CA PRO A 202 -3.08 22.08 -37.82
C PRO A 202 -2.28 22.61 -36.64
N GLY A 203 -1.08 22.08 -36.47
CA GLY A 203 -0.17 22.57 -35.45
C GLY A 203 -0.38 21.99 -34.07
N LYS A 204 -1.37 21.09 -33.95
CA LYS A 204 -1.80 20.56 -32.65
C LYS A 204 -1.51 19.08 -32.47
N ILE A 205 -1.45 18.69 -31.20
CA ILE A 205 -1.33 17.30 -30.79
C ILE A 205 -2.29 17.05 -29.65
N ARG A 206 -2.51 15.77 -29.32
CA ARG A 206 -3.35 15.45 -28.17
C ARG A 206 -2.55 15.45 -26.87
N ASP A 207 -3.19 15.96 -25.83
CA ASP A 207 -2.72 15.94 -24.46
C ASP A 207 -2.70 14.52 -23.93
N SER A 208 -1.52 13.96 -23.70
CA SER A 208 -1.42 12.64 -23.09
C SER A 208 -1.02 12.69 -21.62
N ASN A 209 -0.23 13.69 -21.22
CA ASN A 209 0.29 13.73 -19.86
C ASN A 209 -0.79 13.73 -18.79
N ARG A 210 -1.86 14.48 -19.02
CA ARG A 210 -2.91 14.56 -18.02
C ARG A 210 -3.45 13.16 -17.71
N SER A 211 -3.74 12.38 -18.76
CA SER A 211 -4.22 11.01 -18.59
C SER A 211 -3.22 10.12 -17.89
N THR A 212 -1.97 10.19 -18.33
CA THR A 212 -0.93 9.35 -17.76
C THR A 212 -0.68 9.67 -16.28
N LEU A 213 -0.63 10.96 -15.96
CA LEU A 213 -0.38 11.39 -14.60
C LEU A 213 -1.56 11.09 -13.70
N LEU A 214 -2.77 11.39 -14.14
CA LEU A 214 -3.95 11.05 -13.35
C LEU A 214 -4.02 9.55 -13.09
N ALA A 215 -3.71 8.74 -14.10
CA ALA A 215 -3.76 7.29 -13.92
C ALA A 215 -2.70 6.81 -12.93
N THR A 216 -1.53 7.41 -12.99
CA THR A 216 -0.44 7.08 -12.07
C THR A 216 -0.87 7.36 -10.65
N ILE A 217 -1.47 8.52 -10.42
CA ILE A 217 -1.88 8.89 -9.07
C ILE A 217 -3.03 8.00 -8.58
N GLN A 218 -4.00 7.76 -9.45
CA GLN A 218 -5.13 6.89 -9.13
C GLN A 218 -4.68 5.46 -8.80
N GLU A 219 -3.63 4.99 -9.46
CA GLU A 219 -3.09 3.64 -9.23
C GLU A 219 -2.64 3.47 -7.79
N HIS A 220 -2.22 4.58 -7.18
CA HIS A 220 -1.79 4.58 -5.78
C HIS A 220 -2.92 4.85 -4.79
N GLY A 221 -4.14 5.03 -5.30
CA GLY A 221 -5.32 5.10 -4.47
C GLY A 221 -5.78 6.48 -4.05
N TYR A 222 -5.20 7.53 -4.64
CA TYR A 222 -5.47 8.88 -4.18
C TYR A 222 -6.50 9.56 -5.07
N PRO A 223 -7.38 10.37 -4.45
CA PRO A 223 -8.37 11.10 -5.24
C PRO A 223 -7.73 12.18 -6.08
N THR A 224 -8.31 12.42 -7.26
CA THR A 224 -7.75 13.36 -8.21
C THR A 224 -8.76 14.38 -8.71
N ILE A 225 -8.23 15.49 -9.19
CA ILE A 225 -9.03 16.51 -9.83
CA ILE A 225 -8.98 16.60 -9.78
C ILE A 225 -8.41 16.88 -11.16
N ASN A 226 -9.25 16.92 -12.19
CA ASN A 226 -8.81 17.17 -13.54
C ASN A 226 -8.96 18.65 -13.87
N LEU A 227 -7.84 19.37 -13.98
CA LEU A 227 -7.85 20.81 -14.22
C LEU A 227 -7.75 21.17 -15.70
N GLY A 228 -7.74 20.16 -16.55
CA GLY A 228 -7.79 20.39 -17.99
C GLY A 228 -6.52 20.92 -18.61
N ILE A 229 -6.69 21.57 -19.77
CA ILE A 229 -5.62 22.14 -20.56
C ILE A 229 -5.59 23.65 -20.36
N VAL A 230 -4.43 24.20 -20.08
CA VAL A 230 -4.25 25.63 -19.89
C VAL A 230 -3.26 26.14 -20.93
N GLY A 231 -3.61 27.27 -21.57
CA GLY A 231 -2.74 27.87 -22.57
C GLY A 231 -1.48 28.51 -22.01
N ASP A 232 -0.58 28.87 -22.93
CA ASP A 232 0.69 29.49 -22.57
C ASP A 232 0.49 30.98 -22.36
N ASN A 233 -0.18 31.32 -21.27
CA ASN A 233 -0.22 32.71 -20.86
C ASN A 233 -0.39 32.80 -19.35
N PRO A 234 0.25 33.81 -18.74
CA PRO A 234 0.34 33.87 -17.28
C PRO A 234 -1.00 34.04 -16.58
N ASP A 235 -1.94 34.78 -17.17
CA ASP A 235 -3.23 34.98 -16.51
C ASP A 235 -3.98 33.66 -16.37
N ASP A 236 -4.04 32.88 -17.44
CA ASP A 236 -4.76 31.62 -17.40
C ASP A 236 -4.07 30.63 -16.47
N LEU A 237 -2.75 30.66 -16.45
CA LEU A 237 -2.00 29.74 -15.59
C LEU A 237 -2.26 30.08 -14.12
N LEU A 238 -2.23 31.36 -13.79
CA LEU A 238 -2.49 31.79 -12.42
C LEU A 238 -3.89 31.37 -12.00
N ASN A 239 -4.88 31.60 -12.86
CA ASN A 239 -6.25 31.21 -12.51
C ASN A 239 -6.39 29.72 -12.27
N ALA A 240 -5.75 28.93 -13.12
CA ALA A 240 -5.80 27.47 -12.98
C ALA A 240 -5.11 27.01 -11.71
N LEU A 241 -3.96 27.62 -11.40
CA LEU A 241 -3.26 27.28 -10.16
C LEU A 241 -4.12 27.64 -8.95
N ASN A 242 -4.79 28.78 -8.99
CA ASN A 242 -5.64 29.18 -7.88
C ASN A 242 -6.79 28.19 -7.69
N GLU A 243 -7.34 27.69 -8.79
CA GLU A 243 -8.39 26.68 -8.70
C GLU A 243 -7.85 25.41 -8.04
N GLY A 244 -6.65 24.99 -8.46
CA GLY A 244 -6.00 23.83 -7.89
C GLY A 244 -5.78 23.98 -6.39
N ILE A 245 -5.30 25.14 -5.97
CA ILE A 245 -5.03 25.41 -4.57
CA ILE A 245 -5.03 25.42 -4.57
C ILE A 245 -6.30 25.32 -3.75
N SER A 246 -7.40 25.81 -4.32
CA SER A 246 -8.69 25.78 -3.64
C SER A 246 -9.22 24.36 -3.48
N ARG A 247 -9.04 23.55 -4.52
CA ARG A 247 -9.70 22.25 -4.63
C ARG A 247 -8.85 21.06 -4.17
N ALA A 248 -7.55 21.28 -4.02
CA ALA A 248 -6.64 20.16 -3.81
C ALA A 248 -5.52 20.46 -2.83
N ASP A 249 -4.85 19.39 -2.40
CA ASP A 249 -3.70 19.49 -1.51
C ASP A 249 -2.41 19.61 -2.29
N VAL A 250 -2.43 19.08 -3.50
CA VAL A 250 -1.27 18.96 -4.38
C VAL A 250 -1.68 19.36 -5.78
N ILE A 251 -0.84 20.16 -6.44
CA ILE A 251 -1.05 20.52 -7.83
C ILE A 251 0.11 19.98 -8.65
N ILE A 252 -0.21 19.25 -9.70
CA ILE A 252 0.78 18.78 -10.67
C ILE A 252 0.49 19.45 -12.00
N THR A 253 1.48 20.15 -12.54
CA THR A 253 1.43 20.67 -13.90
C THR A 253 2.47 19.93 -14.74
N SER A 254 2.31 19.95 -16.06
CA SER A 254 3.39 19.56 -16.95
C SER A 254 3.51 20.58 -18.06
N GLY A 255 4.72 20.68 -18.59
CA GLY A 255 5.01 21.63 -19.66
C GLY A 255 5.36 23.02 -19.16
N GLY A 256 5.98 23.80 -20.03
CA GLY A 256 6.25 25.20 -19.75
C GLY A 256 7.21 25.54 -18.62
N VAL A 257 8.15 24.65 -18.30
CA VAL A 257 9.11 24.89 -17.21
C VAL A 257 10.55 25.02 -17.69
N SER A 258 10.75 24.98 -18.99
CA SER A 258 12.07 25.29 -19.53
C SER A 258 12.20 26.80 -19.63
N MET A 259 13.22 27.28 -20.34
CA MET A 259 13.50 28.70 -20.43
C MET A 259 12.97 29.32 -21.73
N GLY A 260 12.09 28.59 -22.41
CA GLY A 260 11.53 29.06 -23.67
C GLY A 260 10.75 30.36 -23.53
N GLU A 261 10.45 30.98 -24.67
CA GLU A 261 9.81 32.30 -24.67
C GLU A 261 8.40 32.28 -24.11
N LYS A 262 7.69 31.17 -24.34
CA LYS A 262 6.31 31.04 -23.90
C LYS A 262 6.20 30.13 -22.68
N ASP A 263 7.29 30.03 -21.92
CA ASP A 263 7.28 29.27 -20.67
C ASP A 263 7.16 30.23 -19.49
N TYR A 264 5.98 30.24 -18.86
CA TYR A 264 5.65 31.23 -17.84
C TYR A 264 5.52 30.67 -16.41
N LEU A 265 5.50 29.35 -16.28
CA LEU A 265 5.07 28.77 -15.00
C LEU A 265 5.96 29.19 -13.82
N LYS A 266 7.27 29.18 -14.00
CA LYS A 266 8.16 29.57 -12.91
C LYS A 266 7.93 31.01 -12.49
N GLN A 267 7.80 31.92 -13.45
CA GLN A 267 7.47 33.31 -13.15
C GLN A 267 6.15 33.44 -12.40
N VAL A 268 5.14 32.70 -12.84
CA VAL A 268 3.82 32.79 -12.24
C VAL A 268 3.86 32.27 -10.80
N LEU A 269 4.53 31.14 -10.59
CA LEU A 269 4.63 30.56 -9.25
C LEU A 269 5.28 31.54 -8.27
N ASP A 270 6.32 32.23 -8.72
CA ASP A 270 7.08 33.11 -7.86
C ASP A 270 6.39 34.46 -7.70
N ILE A 271 6.17 35.15 -8.81
CA ILE A 271 5.75 36.55 -8.77
C ILE A 271 4.26 36.73 -8.49
N ASP A 272 3.43 35.87 -9.07
CA ASP A 272 1.98 36.03 -8.97
C ASP A 272 1.39 35.20 -7.85
N LEU A 273 1.86 33.97 -7.70
CA LEU A 273 1.31 33.08 -6.70
C LEU A 273 2.01 33.24 -5.35
N HIS A 274 3.21 33.81 -5.37
CA HIS A 274 4.02 34.02 -4.17
C HIS A 274 4.42 32.70 -3.51
N ALA A 275 4.64 31.67 -4.33
CA ALA A 275 5.10 30.38 -3.84
C ALA A 275 6.61 30.36 -3.70
N GLN A 276 7.12 29.45 -2.89
CA GLN A 276 8.55 29.28 -2.67
C GLN A 276 9.04 28.13 -3.53
N ILE A 277 9.83 28.44 -4.54
CA ILE A 277 10.38 27.43 -5.43
C ILE A 277 11.67 26.90 -4.82
N HIS A 278 11.67 25.63 -4.46
CA HIS A 278 12.80 25.04 -3.76
C HIS A 278 13.88 24.54 -4.73
N PHE A 279 13.47 23.99 -5.86
CA PHE A 279 14.38 23.81 -6.97
C PHE A 279 13.64 23.97 -8.28
N GLY A 280 14.36 24.42 -9.32
CA GLY A 280 13.79 24.64 -10.64
C GLY A 280 14.53 23.90 -11.74
N ARG A 281 15.64 23.28 -11.39
CA ARG A 281 16.33 22.37 -12.29
C ARG A 281 16.96 21.24 -11.49
N VAL A 282 16.98 20.04 -12.06
CA VAL A 282 17.57 18.88 -11.42
C VAL A 282 18.55 18.20 -12.37
N PHE A 283 19.73 17.89 -11.87
CA PHE A 283 20.74 17.20 -12.66
C PHE A 283 20.39 15.72 -12.83
N MET A 284 19.53 15.46 -13.81
CA MET A 284 18.95 14.13 -14.00
C MET A 284 18.54 14.00 -15.46
N LYS A 285 18.45 12.76 -15.94
CA LYS A 285 18.04 12.49 -17.31
CA LYS A 285 18.06 12.48 -17.31
C LYS A 285 17.00 11.37 -17.37
N PRO A 286 15.79 11.66 -17.84
CA PRO A 286 15.22 12.95 -18.24
C PRO A 286 14.85 13.72 -16.98
N GLY A 287 14.41 14.97 -17.14
CA GLY A 287 13.78 15.68 -16.04
C GLY A 287 14.46 16.98 -15.63
N LEU A 288 15.38 17.47 -16.45
CA LEU A 288 16.16 18.64 -16.12
C LEU A 288 15.37 19.84 -15.57
N PRO A 289 14.22 20.18 -16.17
CA PRO A 289 13.53 21.40 -15.70
C PRO A 289 12.54 21.19 -14.57
N THR A 290 12.53 20.01 -13.98
CA THR A 290 11.58 19.69 -12.91
C THR A 290 11.64 20.70 -11.77
N THR A 291 10.47 21.16 -11.35
CA THR A 291 10.33 22.25 -10.39
C THR A 291 9.38 21.86 -9.24
N PHE A 292 9.80 22.20 -8.02
CA PHE A 292 9.06 21.87 -6.81
C PHE A 292 8.88 23.14 -6.01
N ALA A 293 7.64 23.42 -5.63
CA ALA A 293 7.36 24.62 -4.86
C ALA A 293 6.38 24.32 -3.75
N THR A 294 6.43 25.15 -2.71
CA THR A 294 5.42 25.08 -1.65
C THR A 294 4.75 26.45 -1.51
N LEU A 295 3.52 26.42 -1.03
CA LEU A 295 2.78 27.65 -0.77
C LEU A 295 2.05 27.48 0.55
N ASP A 296 2.35 28.38 1.48
CA ASP A 296 1.75 28.34 2.80
C ASP A 296 0.66 29.38 2.93
N ILE A 297 -0.56 28.88 3.13
CA ILE A 297 -1.73 29.73 3.28
C ILE A 297 -2.45 29.39 4.58
N ASP A 298 -2.41 30.29 5.54
CA ASP A 298 -3.15 30.13 6.78
C ASP A 298 -2.82 28.80 7.46
N GLY A 299 -1.54 28.51 7.59
CA GLY A 299 -1.10 27.32 8.30
C GLY A 299 -1.30 26.02 7.55
N VAL A 300 -1.69 26.12 6.28
CA VAL A 300 -1.80 24.95 5.41
C VAL A 300 -0.72 25.02 4.33
N ARG A 301 0.03 23.94 4.13
CA ARG A 301 1.05 23.92 3.09
C ARG A 301 0.56 23.16 1.87
N LYS A 302 0.48 23.88 0.76
CA LYS A 302 0.17 23.32 -0.54
C LYS A 302 1.47 22.95 -1.22
N ILE A 303 1.42 21.86 -1.98
N ILE A 303 1.52 21.83 -1.93
CA ILE A 303 2.55 21.30 -2.70
CA ILE A 303 2.73 21.52 -2.68
C ILE A 303 2.34 21.43 -4.21
C ILE A 303 2.41 21.39 -4.16
N ILE A 304 3.34 21.93 -4.93
CA ILE A 304 3.23 22.09 -6.37
C ILE A 304 4.43 21.44 -7.05
N PHE A 305 4.13 20.52 -7.96
CA PHE A 305 5.14 19.93 -8.83
C PHE A 305 4.88 20.40 -10.25
N ALA A 306 5.84 21.13 -10.81
CA ALA A 306 5.75 21.55 -12.20
C ALA A 306 6.73 20.68 -12.99
N LEU A 307 6.17 19.67 -13.66
CA LEU A 307 6.95 18.65 -14.33
C LEU A 307 7.24 19.03 -15.77
N PRO A 308 8.26 18.41 -16.37
CA PRO A 308 8.53 18.68 -17.78
C PRO A 308 7.40 18.24 -18.68
N GLY A 309 7.30 18.88 -19.85
CA GLY A 309 6.24 18.56 -20.79
C GLY A 309 6.45 17.29 -21.59
N ASN A 310 7.70 16.93 -21.85
CA ASN A 310 7.94 15.72 -22.63
C ASN A 310 7.26 14.54 -21.93
N PRO A 311 6.42 13.77 -22.65
CA PRO A 311 5.64 12.76 -21.94
C PRO A 311 6.45 11.73 -21.13
N VAL A 312 7.57 11.29 -21.65
CA VAL A 312 8.40 10.34 -20.91
C VAL A 312 8.95 11.01 -19.66
N SER A 313 9.44 12.24 -19.79
CA SER A 313 9.96 12.97 -18.65
C SER A 313 8.90 13.18 -17.57
N ALA A 314 7.67 13.49 -17.99
CA ALA A 314 6.60 13.74 -17.04
C ALA A 314 6.30 12.50 -16.20
N VAL A 315 6.20 11.33 -16.84
CA VAL A 315 5.80 10.14 -16.08
C VAL A 315 6.98 9.64 -15.19
N VAL A 316 8.20 9.79 -15.67
CA VAL A 316 9.38 9.41 -14.90
C VAL A 316 9.50 10.29 -13.65
N THR A 317 9.44 11.61 -13.83
CA THR A 317 9.57 12.52 -12.69
C THR A 317 8.37 12.39 -11.74
N CYS A 318 7.19 12.08 -12.26
CA CYS A 318 6.04 11.85 -11.39
C CYS A 318 6.34 10.69 -10.43
N ASN A 319 6.89 9.61 -10.96
CA ASN A 319 7.22 8.45 -10.12
C ASN A 319 8.35 8.69 -9.12
N LEU A 320 9.37 9.46 -9.52
CA LEU A 320 10.51 9.76 -8.66
C LEU A 320 10.20 10.74 -7.53
N PHE A 321 9.42 11.78 -7.82
CA PHE A 321 9.24 12.86 -6.86
C PHE A 321 7.82 12.95 -6.27
N VAL A 322 6.81 12.81 -7.11
CA VAL A 322 5.44 13.05 -6.68
C VAL A 322 4.95 11.91 -5.78
N VAL A 323 5.16 10.67 -6.22
CA VAL A 323 4.60 9.54 -5.48
C VAL A 323 5.17 9.46 -4.06
N PRO A 324 6.49 9.64 -3.88
CA PRO A 324 6.96 9.63 -2.48
C PRO A 324 6.37 10.76 -1.62
N ALA A 325 6.19 11.94 -2.20
CA ALA A 325 5.56 13.04 -1.48
C ALA A 325 4.14 12.65 -1.04
N LEU A 326 3.38 12.06 -1.94
CA LEU A 326 2.00 11.67 -1.64
C LEU A 326 1.98 10.63 -0.52
N ARG A 327 2.94 9.70 -0.55
CA ARG A 327 3.04 8.71 0.50
C ARG A 327 3.32 9.35 1.85
N LYS A 328 4.18 10.37 1.89
CA LYS A 328 4.40 11.09 3.14
C LYS A 328 3.11 11.80 3.58
N MET A 329 2.42 12.43 2.64
CA MET A 329 1.22 13.18 2.98
C MET A 329 0.15 12.29 3.60
N GLN A 330 -0.01 11.07 3.08
CA GLN A 330 -1.02 10.17 3.62
C GLN A 330 -0.53 9.42 4.87
N GLY A 331 0.59 9.84 5.45
CA GLY A 331 1.01 9.34 6.75
C GLY A 331 1.97 8.17 6.79
N ILE A 332 2.45 7.71 5.65
CA ILE A 332 3.42 6.63 5.66
C ILE A 332 4.75 7.11 6.25
N LEU A 333 5.22 6.43 7.30
CA LEU A 333 6.35 6.93 8.07
CA LEU A 333 6.37 6.88 8.09
C LEU A 333 7.64 6.98 7.26
N ASP A 334 7.89 5.92 6.49
CA ASP A 334 9.04 5.88 5.57
C ASP A 334 8.49 5.86 4.15
N PRO A 335 8.40 7.03 3.52
CA PRO A 335 7.69 7.11 2.24
C PRO A 335 8.54 6.76 1.02
N ARG A 336 9.77 6.32 1.26
CA ARG A 336 10.66 5.98 0.16
C ARG A 336 10.13 4.82 -0.65
N PRO A 337 10.34 4.86 -1.97
CA PRO A 337 9.91 3.74 -2.81
C PRO A 337 10.80 2.54 -2.58
N THR A 338 10.29 1.38 -2.92
CA THR A 338 11.09 0.16 -2.85
C THR A 338 12.03 0.11 -4.04
N ILE A 339 13.30 -0.12 -3.73
CA ILE A 339 14.33 -0.27 -4.74
C ILE A 339 14.89 -1.67 -4.63
N ILE A 340 14.92 -2.35 -5.76
CA ILE A 340 15.43 -3.72 -5.79
C ILE A 340 16.63 -3.79 -6.72
N LYS A 341 17.34 -4.92 -6.66
CA LYS A 341 18.46 -5.20 -7.55
C LYS A 341 18.04 -6.11 -8.68
N ALA A 342 18.44 -5.76 -9.90
CA ALA A 342 18.11 -6.52 -11.10
C ALA A 342 19.28 -6.55 -12.06
N ARG A 343 19.24 -7.51 -12.98
CA ARG A 343 20.27 -7.63 -14.00
CA ARG A 343 20.27 -7.63 -14.00
C ARG A 343 19.83 -6.94 -15.28
N LEU A 344 20.72 -6.15 -15.86
CA LEU A 344 20.45 -5.48 -17.12
C LEU A 344 20.29 -6.48 -18.25
N SER A 345 19.25 -6.31 -19.05
CA SER A 345 18.99 -7.19 -20.17
C SER A 345 19.81 -6.83 -21.41
N CYS A 346 20.36 -5.60 -21.42
CA CYS A 346 21.12 -5.10 -22.57
CA CYS A 346 21.18 -5.16 -22.54
C CYS A 346 22.20 -4.11 -22.09
N ASP A 347 23.24 -3.92 -22.91
CA ASP A 347 24.25 -2.92 -22.63
C ASP A 347 23.59 -1.55 -22.63
N VAL A 348 24.12 -0.62 -21.84
CA VAL A 348 23.60 0.75 -21.83
C VAL A 348 24.72 1.76 -21.61
N LYS A 349 24.64 2.88 -22.32
CA LYS A 349 25.64 3.95 -22.22
C LYS A 349 25.26 4.86 -21.06
N LEU A 350 26.23 5.22 -20.22
CA LEU A 350 25.97 6.11 -19.11
C LEU A 350 26.13 7.57 -19.53
N ASP A 351 25.40 8.44 -18.83
CA ASP A 351 25.39 9.87 -19.10
C ASP A 351 26.08 10.57 -17.94
N PRO A 352 26.53 11.82 -18.15
CA PRO A 352 27.08 12.51 -16.97
C PRO A 352 26.04 12.66 -15.87
N ARG A 353 24.76 12.68 -16.27
CA ARG A 353 23.66 12.73 -15.32
C ARG A 353 23.19 11.34 -14.94
N PRO A 354 22.71 11.17 -13.69
CA PRO A 354 21.99 9.93 -13.40
C PRO A 354 20.82 9.81 -14.35
N GLU A 355 20.58 8.60 -14.86
N GLU A 355 20.58 8.63 -14.92
CA GLU A 355 19.60 8.34 -15.88
CA GLU A 355 19.50 8.50 -15.88
C GLU A 355 18.48 7.45 -15.33
C GLU A 355 18.50 7.41 -15.46
N TYR A 356 17.25 7.64 -15.85
CA TYR A 356 16.11 6.84 -15.40
C TYR A 356 15.30 6.40 -16.59
N HIS A 357 14.92 5.12 -16.62
CA HIS A 357 14.14 4.60 -17.72
C HIS A 357 13.17 3.52 -17.25
N ARG A 358 11.95 3.57 -17.76
CA ARG A 358 10.96 2.55 -17.45
C ARG A 358 11.46 1.21 -17.93
N CYS A 359 11.13 0.16 -17.18
CA CYS A 359 11.52 -1.18 -17.56
C CYS A 359 10.51 -2.19 -17.08
N ILE A 360 10.70 -3.44 -17.52
CA ILE A 360 9.90 -4.55 -17.04
C ILE A 360 10.82 -5.51 -16.29
N LEU A 361 10.41 -5.84 -15.06
CA LEU A 361 11.11 -6.79 -14.21
C LEU A 361 10.51 -8.18 -14.37
N THR A 362 11.37 -9.17 -14.58
CA THR A 362 10.95 -10.56 -14.79
CA THR A 362 10.96 -10.56 -14.80
C THR A 362 11.91 -11.53 -14.10
N TRP A 363 11.33 -12.54 -13.44
CA TRP A 363 12.13 -13.60 -12.83
CA TRP A 363 12.13 -13.59 -12.82
C TRP A 363 12.21 -14.80 -13.76
N HIS A 364 13.39 -15.42 -13.81
CA HIS A 364 13.65 -16.55 -14.71
C HIS A 364 13.87 -17.86 -13.96
N HIS A 365 12.83 -18.70 -13.97
CA HIS A 365 12.90 -20.05 -13.39
C HIS A 365 13.45 -20.07 -11.96
N GLN A 366 14.75 -20.29 -11.82
CA GLN A 366 15.37 -20.45 -10.51
C GLN A 366 16.44 -19.41 -10.23
N GLU A 367 16.68 -18.53 -11.19
CA GLU A 367 17.71 -17.50 -11.02
C GLU A 367 17.27 -16.53 -9.92
N PRO A 368 18.17 -16.22 -8.98
CA PRO A 368 17.81 -15.40 -7.81
C PRO A 368 17.43 -13.96 -8.13
N LEU A 369 18.12 -13.33 -9.08
CA LEU A 369 17.84 -11.94 -9.41
C LEU A 369 16.97 -11.79 -10.64
N PRO A 370 16.03 -10.83 -10.61
CA PRO A 370 15.23 -10.54 -11.80
C PRO A 370 16.05 -9.88 -12.89
N TRP A 371 15.54 -9.95 -14.11
CA TRP A 371 16.08 -9.21 -15.22
C TRP A 371 15.25 -7.96 -15.45
N ALA A 372 15.94 -6.87 -15.74
CA ALA A 372 15.30 -5.60 -16.06
C ALA A 372 15.47 -5.33 -17.54
N GLN A 373 14.35 -5.30 -18.25
CA GLN A 373 14.36 -5.01 -19.67
C GLN A 373 13.75 -3.63 -19.92
N SER A 374 14.59 -2.72 -20.41
CA SER A 374 14.14 -1.38 -20.71
C SER A 374 13.05 -1.41 -21.77
N THR A 375 11.99 -0.64 -21.55
CA THR A 375 10.90 -0.56 -22.50
C THR A 375 11.39 0.10 -23.80
N GLY A 376 10.78 -0.28 -24.91
CA GLY A 376 11.18 0.26 -26.21
C GLY A 376 12.59 -0.13 -26.59
N SER A 381 11.19 -10.23 -27.80
CA SER A 381 10.00 -11.00 -28.12
C SER A 381 8.76 -10.11 -28.12
N ARG A 382 7.70 -10.59 -28.78
CA ARG A 382 6.45 -9.84 -28.85
C ARG A 382 5.74 -9.84 -27.50
N LEU A 383 5.86 -10.94 -26.77
CA LEU A 383 5.13 -11.12 -25.52
C LEU A 383 5.54 -10.08 -24.46
N MET A 384 6.77 -9.60 -24.56
CA MET A 384 7.24 -8.58 -23.62
C MET A 384 6.59 -7.22 -23.89
N SER A 385 5.47 -7.22 -24.61
CA SER A 385 4.67 -6.00 -24.80
C SER A 385 3.26 -6.13 -24.20
N MET A 386 2.86 -7.35 -23.83
CA MET A 386 1.59 -7.55 -23.11
C MET A 386 1.64 -7.00 -21.69
N ARG A 387 2.81 -6.58 -21.24
CA ARG A 387 3.00 -6.18 -19.86
C ARG A 387 3.38 -4.71 -19.74
N SER A 388 2.84 -4.08 -18.73
CA SER A 388 3.10 -2.68 -18.47
C SER A 388 4.38 -2.55 -17.66
N ALA A 389 5.02 -1.39 -17.73
CA ALA A 389 6.24 -1.16 -16.97
C ALA A 389 5.97 -1.30 -15.48
N ASN A 390 6.83 -2.07 -14.80
CA ASN A 390 6.74 -2.17 -13.34
C ASN A 390 8.00 -1.69 -12.62
N GLY A 391 8.97 -1.19 -13.37
CA GLY A 391 10.21 -0.70 -12.78
C GLY A 391 10.69 0.59 -13.41
N LEU A 392 11.55 1.27 -12.67
CA LEU A 392 12.30 2.40 -13.19
C LEU A 392 13.77 2.11 -12.98
N LEU A 393 14.49 1.85 -14.07
CA LEU A 393 15.94 1.67 -14.02
C LEU A 393 16.59 2.94 -13.47
N MET A 394 17.54 2.78 -12.57
CA MET A 394 18.26 3.91 -11.97
C MET A 394 19.75 3.77 -12.23
N LEU A 395 20.22 4.39 -13.31
CA LEU A 395 21.59 4.20 -13.77
C LEU A 395 22.49 5.30 -13.22
N PRO A 396 23.71 4.93 -12.82
CA PRO A 396 24.61 5.89 -12.21
C PRO A 396 25.23 6.86 -13.20
N PRO A 397 25.68 8.03 -12.73
CA PRO A 397 26.45 8.92 -13.60
C PRO A 397 27.69 8.23 -14.12
N LYS A 398 28.07 8.51 -15.35
CA LYS A 398 29.30 7.96 -15.89
C LYS A 398 30.49 8.52 -15.11
N THR A 399 31.57 7.75 -15.09
CA THR A 399 32.84 8.21 -14.53
C THR A 399 33.91 8.00 -15.59
N GLU A 400 35.09 8.59 -15.39
CA GLU A 400 36.18 8.41 -16.34
C GLU A 400 36.48 6.92 -16.51
N GLN A 401 36.16 6.14 -15.49
CA GLN A 401 36.28 4.68 -15.56
C GLN A 401 35.08 4.07 -16.28
N TYR A 402 33.91 4.17 -15.65
CA TYR A 402 32.69 3.55 -16.15
C TYR A 402 31.92 4.47 -17.11
N VAL A 403 31.83 4.04 -18.36
CA VAL A 403 31.19 4.81 -19.42
C VAL A 403 29.96 4.03 -19.91
N GLU A 404 29.90 2.76 -19.51
CA GLU A 404 28.88 1.86 -20.00
C GLU A 404 28.68 0.74 -18.99
N LEU A 405 27.45 0.25 -18.91
CA LEU A 405 27.12 -0.95 -18.15
C LEU A 405 26.75 -2.04 -19.13
N HIS A 406 27.02 -3.29 -18.77
CA HIS A 406 26.83 -4.41 -19.67
C HIS A 406 25.72 -5.33 -19.24
N LYS A 407 25.12 -6.00 -20.23
CA LYS A 407 24.13 -7.04 -19.99
C LYS A 407 24.59 -7.96 -18.86
N GLY A 408 23.70 -8.14 -17.87
CA GLY A 408 23.95 -9.04 -16.77
C GLY A 408 24.42 -8.35 -15.51
N GLU A 409 24.93 -7.14 -15.66
CA GLU A 409 25.40 -6.38 -14.50
C GLU A 409 24.21 -5.92 -13.65
N VAL A 410 24.45 -5.81 -12.35
CA VAL A 410 23.40 -5.56 -11.37
C VAL A 410 23.18 -4.07 -11.19
N VAL A 411 21.92 -3.66 -11.32
CA VAL A 411 21.53 -2.26 -11.17
C VAL A 411 20.33 -2.09 -10.25
N ASP A 412 20.16 -0.86 -9.78
CA ASP A 412 19.01 -0.50 -8.96
C ASP A 412 17.80 -0.27 -9.82
N VAL A 413 16.66 -0.78 -9.37
CA VAL A 413 15.39 -0.54 -10.04
C VAL A 413 14.33 -0.17 -9.03
N MET A 414 13.72 1.00 -9.23
CA MET A 414 12.61 1.41 -8.38
C MET A 414 11.34 0.71 -8.83
N VAL A 415 10.61 0.10 -7.89
CA VAL A 415 9.35 -0.56 -8.25
C VAL A 415 8.28 0.51 -8.44
N ILE A 416 7.57 0.47 -9.58
CA ILE A 416 6.51 1.46 -9.85
C ILE A 416 5.20 0.82 -10.26
N GLY A 417 5.19 -0.50 -10.35
CA GLY A 417 3.97 -1.23 -10.66
C GLY A 417 3.98 -2.53 -9.92
N ARG A 418 2.84 -3.23 -9.94
CA ARG A 418 2.80 -4.56 -9.37
C ARG A 418 3.78 -5.47 -10.09
N LEU A 419 4.59 -6.18 -9.33
CA LEU A 419 5.51 -7.12 -9.93
C LEU A 419 4.79 -8.35 -10.44
C ACT B . 1.79 -4.82 17.92
O ACT B . 1.79 -5.57 16.91
OXT ACT B . 2.62 -5.10 18.80
CH3 ACT B . 0.84 -3.68 18.06
H1 ACT B . 1.02 -3.17 19.01
H2 ACT B . -0.19 -4.04 18.02
H3 ACT B . 1.00 -2.98 17.24
C ACT C . -1.08 11.01 15.33
O ACT C . -0.34 10.07 14.96
OXT ACT C . -1.53 10.92 16.50
CH3 ACT C . -1.41 12.16 14.44
H1 ACT C . -2.06 12.86 14.97
H2 ACT C . -1.92 11.79 13.55
H3 ACT C . -0.49 12.67 14.15
C ACT D . 6.35 20.01 7.90
O ACT D . 6.62 20.36 6.72
OXT ACT D . 5.93 18.84 8.05
CH3 ACT D . 6.52 20.95 9.06
H1 ACT D . 6.90 21.90 8.70
H2 ACT D . 7.24 20.52 9.76
H3 ACT D . 5.57 21.09 9.55
C ACT E . 25.83 18.97 -9.69
O ACT E . 26.54 19.95 -9.40
OXT ACT E . 26.43 17.99 -10.19
CH3 ACT E . 24.35 18.96 -9.45
H1 ACT E . 23.94 18.00 -9.77
H2 ACT E . 23.89 19.76 -10.01
H3 ACT E . 24.15 19.10 -8.39
C ACT F . 7.32 11.33 -27.73
O ACT F . 8.19 11.12 -28.60
OXT ACT F . 6.65 12.37 -27.85
CH3 ACT F . 7.10 10.38 -26.59
H1 ACT F . 6.29 10.77 -25.95
H2 ACT F . 8.01 10.29 -25.99
H3 ACT F . 6.81 9.40 -26.97
C1 MPD G . 17.87 7.56 -5.33
C2 MPD G . 16.84 8.62 -4.93
O2 MPD G . 17.59 9.83 -4.71
CM MPD G . 15.89 8.96 -6.09
C3 MPD G . 16.06 8.31 -3.64
C4 MPD G . 15.56 6.88 -3.43
O4 MPD G . 15.07 6.75 -2.10
C5 MPD G . 14.44 6.51 -4.37
H11 MPD G . 17.87 6.76 -4.60
H12 MPD G . 18.86 8.02 -5.37
H13 MPD G . 17.61 7.16 -6.31
HO2 MPD G . 17.43 10.16 -3.80
HM1 MPD G . 14.86 8.92 -5.73
HM2 MPD G . 16.03 8.25 -6.89
HM3 MPD G . 16.11 9.97 -6.44
H31 MPD G . 15.20 8.98 -3.59
H32 MPD G . 16.70 8.57 -2.80
H4 MPD G . 16.39 6.18 -3.58
HO4 MPD G . 14.86 5.81 -1.92
H51 MPD G . 13.55 6.24 -3.79
H52 MPD G . 14.73 5.65 -4.98
H53 MPD G . 14.20 7.35 -5.02
C1 MPD H . -12.90 14.57 -19.80
C2 MPD H . -14.21 14.92 -20.48
O2 MPD H . -14.90 13.65 -20.69
CM MPD H . -15.14 15.76 -19.61
C3 MPD H . -14.00 15.54 -21.87
C4 MPD H . -13.43 16.96 -21.89
O4 MPD H . -12.20 17.05 -21.20
C5 MPD H . -13.22 17.43 -23.32
H11 MPD H . -12.06 14.85 -20.45
H12 MPD H . -12.86 13.51 -19.59
H13 MPD H . -12.82 15.13 -18.87
HO2 MPD H . -15.05 13.53 -21.66
HM1 MPD H . -15.45 16.65 -20.16
HM2 MPD H . -14.60 16.07 -18.71
HM3 MPD H . -16.01 15.18 -19.33
H31 MPD H . -14.95 15.54 -22.40
H32 MPD H . -13.32 14.89 -22.43
H4 MPD H . -14.16 17.63 -21.41
HO4 MPD H . -11.88 17.97 -21.24
H51 MPD H . -12.18 17.72 -23.46
H52 MPD H . -13.86 18.29 -23.52
H53 MPD H . -13.47 16.63 -24.01
C1 MPD I . 2.32 7.65 -25.78
C2 MPD I . 3.55 7.98 -24.93
O2 MPD I . 4.46 6.90 -25.22
CM MPD I . 4.28 9.21 -25.46
C3 MPD I . 3.17 8.14 -23.44
C4 MPD I . 3.52 6.98 -22.51
O4 MPD I . 4.73 6.37 -22.88
C5 MPD I . 3.67 7.46 -21.07
H11 MPD I . 1.44 7.61 -25.14
H12 MPD I . 2.46 6.69 -26.27
H13 MPD I . 2.18 8.43 -26.52
HO2 MPD I . 4.70 6.43 -24.39
HM1 MPD I . 4.37 9.94 -24.65
HM2 MPD I . 3.71 9.65 -26.27
HM3 MPD I . 5.26 8.92 -25.80
H31 MPD I . 3.67 9.04 -23.06
H32 MPD I . 2.10 8.32 -23.37
H4 MPD I . 2.72 6.25 -22.54
HO4 MPD I . 4.64 5.40 -22.84
H51 MPD I . 4.67 7.20 -20.71
H52 MPD I . 2.93 6.97 -20.44
H53 MPD I . 3.53 8.53 -21.02
CA CA J . 4.97 24.03 -24.02
PB ADP K . 9.17 22.00 -20.78
O1B ADP K . 9.32 23.42 -21.28
O2B ADP K . 10.43 21.16 -20.79
O3B ADP K . 8.39 21.94 -19.51
PA ADP K . 7.50 21.86 -23.07
O1A ADP K . 8.63 22.58 -23.78
O2A ADP K . 6.25 22.63 -22.73
O3A ADP K . 8.16 21.18 -21.77
O5' ADP K . 7.11 20.60 -23.97
C5' ADP K . 8.11 19.69 -24.43
C4' ADP K . 7.51 18.74 -25.44
O4' ADP K . 6.46 17.99 -24.79
C3' ADP K . 6.88 19.45 -26.62
O3' ADP K . 7.11 18.66 -27.79
C2' ADP K . 5.40 19.49 -26.25
O2' ADP K . 4.52 19.56 -27.38
C1' ADP K . 5.25 18.18 -25.50
N9 ADP K . 4.14 18.20 -24.53
C8 ADP K . 3.92 19.12 -23.57
N7 ADP K . 2.81 18.81 -22.85
C5 ADP K . 2.31 17.70 -23.40
C6 ADP K . 1.15 16.84 -23.13
N6 ADP K . 0.28 17.12 -22.14
N1 ADP K . 0.96 15.77 -23.89
C2 ADP K . 1.78 15.43 -24.89
N3 ADP K . 2.88 16.15 -25.19
C4 ADP K . 3.17 17.27 -24.50
H5'1 ADP K . 8.51 19.12 -23.58
H5'2 ADP K . 8.93 20.24 -24.89
H4' ADP K . 8.29 18.06 -25.80
H3' ADP K . 7.28 20.47 -26.71
HO3' ADP K . 6.72 19.11 -28.56
H2' ADP K . 5.22 20.33 -25.57
HO2' ADP K . 4.69 20.38 -27.87
H1' ADP K . 5.10 17.37 -26.23
H8 ADP K . 4.56 19.97 -23.38
HN61 ADP K . 0.43 17.93 -21.57
HN62 ADP K . -0.50 16.52 -21.98
H2 ADP K . 1.57 14.54 -25.46
P PO4 L . -9.18 20.24 0.16
O1 PO4 L . -8.15 21.33 -0.05
O2 PO4 L . -8.82 19.03 -0.66
O3 PO4 L . -9.22 19.86 1.61
O4 PO4 L . -10.55 20.74 -0.26
MO MO M . 16.41 16.55 -20.41
MO MO N . 18.78 18.85 -21.72
MO MO O . 15.21 19.57 -21.89
MO MO P . 13.53 15.55 -23.41
MO MO Q . 18.34 16.42 -23.33
MO MO R . 16.37 13.87 -22.26
MO MO S . 15.61 15.86 -26.44
MO MO T . 15.50 17.29 -23.87
MO MOO U . 13.36 17.06 -20.30
O1 MOO U . 14.73 16.06 -20.44
O2 MOO U . 13.84 18.70 -20.38
O3 MOO U . 12.59 16.91 -18.80
O4 MOO U . 12.30 16.70 -21.59
MG MG V . 9.15 24.47 -23.43
#